data_7BV0
#
_entry.id   7BV0
#
_cell.length_a   107.660
_cell.length_b   107.660
_cell.length_c   75.458
_cell.angle_alpha   90.000
_cell.angle_beta   90.000
_cell.angle_gamma   120.000
#
_symmetry.space_group_name_H-M   'P 63 2 2'
#
loop_
_entity.id
_entity.type
_entity.pdbx_description
1 polymer 'Protein ORF2'
2 water water
#
_entity_poly.entity_id   1
_entity_poly.type   'polypeptide(L)'
_entity_poly.pdbx_seq_one_letter_code
;LLGGLPTDLVSNAGGQLFYGRPQVSENGEPSVKLYTSVEAAQLDHGVTIPHDIDLGVSAITLQDFDNQHLQDRPTPSPAP
ARPITNWRSGDVVWVTLPSAEYAQSQSAMGSHPAYWSEEATIINVATGQRAAVSSIKWDQVTLNGKALHKETHSGLVYYQ
LPLMGKINFWQQGTTKAGYTYNYNTTDSDSLWVWWDGGSKAYLYISTYTTMLGAGPVNITGLGAVGPNPVDQASAAVPM
;
_entity_poly.pdbx_strand_id   A
#
# COMPACT_ATOMS: atom_id res chain seq x y z
N PRO A 80 13.94 8.48 -21.00
CA PRO A 80 12.99 8.91 -19.99
C PRO A 80 12.93 7.96 -18.79
N ALA A 81 12.58 8.49 -17.62
CA ALA A 81 12.55 7.67 -16.42
C ALA A 81 11.49 6.57 -16.53
N ARG A 82 11.74 5.46 -15.85
CA ARG A 82 10.79 4.37 -15.83
C ARG A 82 9.47 4.86 -15.23
N PRO A 83 8.34 4.63 -15.89
CA PRO A 83 7.07 5.17 -15.39
C PRO A 83 6.69 4.60 -14.03
N ILE A 84 5.94 5.40 -13.26
CA ILE A 84 5.54 5.01 -11.92
C ILE A 84 4.70 3.74 -11.93
N THR A 85 4.06 3.42 -13.05
CA THR A 85 3.25 2.22 -13.15
C THR A 85 4.06 0.95 -13.40
N ASN A 86 5.37 1.06 -13.61
CA ASN A 86 6.24 -0.07 -13.90
C ASN A 86 7.12 -0.33 -12.68
N TRP A 87 6.85 -1.43 -11.98
CA TRP A 87 7.62 -1.82 -10.81
C TRP A 87 8.45 -3.06 -11.11
N ARG A 88 9.56 -3.18 -10.38
CA ARG A 88 10.42 -4.34 -10.46
C ARG A 88 10.77 -4.81 -9.06
N SER A 89 10.98 -6.12 -8.92
CA SER A 89 11.39 -6.67 -7.65
C SER A 89 12.69 -6.02 -7.20
N GLY A 90 12.74 -5.64 -5.91
CA GLY A 90 13.87 -4.89 -5.40
C GLY A 90 13.70 -3.39 -5.43
N ASP A 91 12.67 -2.88 -6.10
CA ASP A 91 12.36 -1.45 -6.02
C ASP A 91 12.04 -1.07 -4.59
N VAL A 92 12.32 0.18 -4.25
CA VAL A 92 11.97 0.74 -2.95
C VAL A 92 10.75 1.62 -3.14
N VAL A 93 9.69 1.36 -2.38
CA VAL A 93 8.43 2.09 -2.49
C VAL A 93 8.22 2.91 -1.21
N TRP A 94 8.15 4.23 -1.39
CA TRP A 94 7.82 5.16 -0.32
C TRP A 94 6.41 5.68 -0.55
N VAL A 95 5.57 5.58 0.48
CA VAL A 95 4.17 5.95 0.38
C VAL A 95 3.81 6.89 1.52
N THR A 96 2.90 7.82 1.22
CA THR A 96 2.36 8.75 2.20
C THR A 96 0.86 8.54 2.27
N LEU A 97 0.32 8.47 3.48
CA LEU A 97 -1.11 8.26 3.70
C LEU A 97 -1.64 9.43 4.52
N PRO A 98 -1.95 10.56 3.88
CA PRO A 98 -2.50 11.70 4.62
C PRO A 98 -3.88 11.39 5.14
N SER A 99 -4.14 11.82 6.38
N SER A 99 -4.15 11.83 6.38
CA SER A 99 -5.45 11.68 7.01
CA SER A 99 -5.45 11.67 7.03
C SER A 99 -5.91 10.23 6.98
C SER A 99 -5.92 10.22 6.97
N ALA A 100 -5.01 9.32 7.33
CA ALA A 100 -5.32 7.89 7.29
C ALA A 100 -6.33 7.52 8.37
N GLU A 101 -7.15 6.51 8.06
CA GLU A 101 -8.17 6.02 8.97
C GLU A 101 -7.94 4.55 9.25
N TYR A 102 -8.39 4.12 10.43
CA TYR A 102 -8.24 2.73 10.86
C TYR A 102 -9.45 1.92 10.42
N ALA A 103 -9.19 0.76 9.80
CA ALA A 103 -10.22 -0.20 9.45
C ALA A 103 -9.94 -1.49 10.22
N GLN A 104 -10.94 -1.97 10.98
CA GLN A 104 -10.74 -3.16 11.78
C GLN A 104 -10.56 -4.42 10.92
N SER A 105 -11.18 -4.46 9.74
CA SER A 105 -11.13 -5.65 8.89
C SER A 105 -10.93 -5.23 7.45
N GLN A 106 -9.75 -5.55 6.90
CA GLN A 106 -9.44 -5.31 5.50
C GLN A 106 -9.71 -6.61 4.73
N SER A 107 -10.65 -6.56 3.78
N SER A 107 -10.65 -6.54 3.78
CA SER A 107 -11.17 -7.78 3.17
CA SER A 107 -11.17 -7.74 3.14
C SER A 107 -10.13 -8.50 2.31
C SER A 107 -10.08 -8.50 2.40
N ALA A 108 -9.13 -7.79 1.80
CA ALA A 108 -8.07 -8.44 1.02
C ALA A 108 -6.90 -8.91 1.88
N MET A 109 -6.87 -8.53 3.16
CA MET A 109 -5.81 -8.92 4.08
C MET A 109 -6.30 -9.92 5.12
N GLY A 110 -7.15 -10.86 4.71
CA GLY A 110 -7.68 -11.84 5.64
C GLY A 110 -8.55 -11.26 6.73
N SER A 111 -9.22 -10.14 6.45
CA SER A 111 -10.08 -9.45 7.41
C SER A 111 -9.31 -8.97 8.64
N HIS A 112 -8.01 -8.75 8.47
CA HIS A 112 -7.17 -8.18 9.51
C HIS A 112 -7.12 -6.66 9.35
N PRO A 113 -6.71 -5.93 10.40
CA PRO A 113 -6.84 -4.47 10.36
C PRO A 113 -5.87 -3.82 9.37
N ALA A 114 -6.14 -2.55 9.07
CA ALA A 114 -5.32 -1.79 8.16
C ALA A 114 -5.57 -0.30 8.36
N TYR A 115 -4.52 0.50 8.11
CA TYR A 115 -4.67 1.93 7.94
C TYR A 115 -4.82 2.23 6.46
N TRP A 116 -5.68 3.19 6.13
CA TRP A 116 -5.95 3.49 4.73
C TRP A 116 -6.15 4.99 4.53
N SER A 117 -5.82 5.46 3.34
CA SER A 117 -5.96 6.86 2.96
C SER A 117 -6.50 6.94 1.54
N GLU A 118 -7.29 7.98 1.28
CA GLU A 118 -7.79 8.25 -0.06
C GLU A 118 -7.02 9.37 -0.75
N GLU A 119 -5.97 9.90 -0.11
CA GLU A 119 -5.14 10.94 -0.69
C GLU A 119 -3.68 10.50 -0.74
N ALA A 120 -3.45 9.20 -0.92
CA ALA A 120 -2.11 8.65 -0.80
C ALA A 120 -1.27 8.97 -2.03
N THR A 121 0.04 9.06 -1.81
CA THR A 121 1.02 9.19 -2.89
C THR A 121 1.98 8.01 -2.82
N ILE A 122 2.50 7.62 -3.97
CA ILE A 122 3.42 6.49 -4.07
C ILE A 122 4.66 6.96 -4.82
N ILE A 123 5.83 6.60 -4.29
CA ILE A 123 7.11 7.05 -4.82
C ILE A 123 8.01 5.84 -5.06
N ASN A 124 8.58 5.75 -6.26
CA ASN A 124 9.68 4.83 -6.52
C ASN A 124 10.97 5.56 -6.19
N VAL A 125 11.61 5.18 -5.09
CA VAL A 125 12.67 6.00 -4.53
C VAL A 125 13.89 6.04 -5.44
N ALA A 126 14.27 4.90 -6.01
CA ALA A 126 15.47 4.87 -6.85
C ALA A 126 15.26 5.61 -8.16
N THR A 127 14.09 5.43 -8.80
CA THR A 127 13.82 6.13 -10.05
C THR A 127 13.42 7.58 -9.82
N GLY A 128 12.92 7.93 -8.63
CA GLY A 128 12.46 9.26 -8.34
C GLY A 128 11.07 9.58 -8.81
N GLN A 129 10.44 8.70 -9.59
CA GLN A 129 9.09 8.96 -10.08
C GLN A 129 8.07 8.83 -8.96
N ARG A 130 6.97 9.56 -9.10
CA ARG A 130 5.94 9.57 -8.06
C ARG A 130 4.61 10.00 -8.68
N ALA A 131 3.53 9.63 -8.01
CA ALA A 131 2.19 10.02 -8.45
C ALA A 131 1.22 9.84 -7.30
N ALA A 132 0.09 10.53 -7.40
CA ALA A 132 -1.02 10.26 -6.50
C ALA A 132 -1.58 8.88 -6.81
N VAL A 133 -1.87 8.11 -5.77
CA VAL A 133 -2.41 6.77 -5.95
C VAL A 133 -3.72 6.83 -6.74
N SER A 134 -4.53 7.84 -6.51
CA SER A 134 -5.80 7.99 -7.22
C SER A 134 -5.62 8.39 -8.68
N SER A 135 -4.42 8.79 -9.09
N SER A 135 -4.42 8.80 -9.10
CA SER A 135 -4.14 9.17 -10.46
CA SER A 135 -4.19 9.15 -10.48
C SER A 135 -3.56 8.04 -11.29
C SER A 135 -3.74 7.98 -11.34
N ILE A 136 -3.45 6.84 -10.72
CA ILE A 136 -2.89 5.69 -11.41
C ILE A 136 -4.02 4.75 -11.82
N LYS A 137 -3.96 4.27 -13.07
CA LYS A 137 -4.86 3.23 -13.54
C LYS A 137 -4.29 1.89 -13.09
N TRP A 138 -4.87 1.31 -12.04
CA TRP A 138 -4.19 0.22 -11.36
C TRP A 138 -4.27 -1.09 -12.14
N ASP A 139 -5.17 -1.21 -13.11
CA ASP A 139 -5.16 -2.39 -13.97
C ASP A 139 -4.13 -2.29 -15.08
N GLN A 140 -3.37 -1.19 -15.14
CA GLN A 140 -2.24 -1.06 -16.06
C GLN A 140 -0.89 -1.16 -15.36
N VAL A 141 -0.87 -1.20 -14.02
CA VAL A 141 0.39 -1.33 -13.28
C VAL A 141 0.94 -2.73 -13.47
N THR A 142 2.26 -2.83 -13.59
CA THR A 142 2.92 -4.12 -13.73
C THR A 142 4.05 -4.27 -12.72
N LEU A 143 4.31 -5.52 -12.36
CA LEU A 143 5.47 -5.90 -11.55
C LEU A 143 6.25 -6.94 -12.34
N ASN A 144 7.48 -6.59 -12.71
CA ASN A 144 8.31 -7.44 -13.58
C ASN A 144 7.58 -7.76 -14.88
N GLY A 145 6.85 -6.78 -15.41
CA GLY A 145 6.15 -6.95 -16.66
C GLY A 145 4.85 -7.72 -16.59
N LYS A 146 4.38 -8.06 -15.39
CA LYS A 146 3.15 -8.81 -15.21
C LYS A 146 2.12 -7.94 -14.50
N ALA A 147 0.87 -8.06 -14.91
CA ALA A 147 -0.20 -7.34 -14.24
C ALA A 147 -0.26 -7.75 -12.77
N LEU A 148 -0.67 -6.79 -11.92
CA LEU A 148 -0.78 -7.08 -10.50
C LEU A 148 -1.90 -8.09 -10.24
N HIS A 149 -1.68 -8.95 -9.26
CA HIS A 149 -2.76 -9.79 -8.76
C HIS A 149 -3.89 -8.92 -8.22
N LYS A 150 -5.12 -9.31 -8.52
CA LYS A 150 -6.29 -8.56 -8.05
C LYS A 150 -7.34 -9.51 -7.51
N GLU A 151 -8.14 -9.01 -6.58
CA GLU A 151 -9.20 -9.76 -5.93
C GLU A 151 -10.41 -8.88 -5.73
N THR A 152 -11.59 -9.48 -5.84
CA THR A 152 -12.85 -8.80 -5.57
C THR A 152 -13.41 -9.31 -4.26
N HIS A 153 -13.77 -8.39 -3.37
CA HIS A 153 -14.32 -8.72 -2.06
C HIS A 153 -15.51 -7.83 -1.79
N SER A 154 -16.68 -8.44 -1.58
CA SER A 154 -17.93 -7.73 -1.34
C SER A 154 -18.20 -6.74 -2.49
N GLY A 155 -17.83 -7.15 -3.70
CA GLY A 155 -18.07 -6.38 -4.90
C GLY A 155 -17.02 -5.35 -5.27
N LEU A 156 -16.00 -5.16 -4.43
CA LEU A 156 -14.98 -4.14 -4.65
C LEU A 156 -13.64 -4.79 -4.99
N VAL A 157 -12.89 -4.18 -5.90
CA VAL A 157 -11.69 -4.77 -6.48
C VAL A 157 -10.45 -4.19 -5.83
N TYR A 158 -9.52 -5.04 -5.41
CA TYR A 158 -8.27 -4.65 -4.77
C TYR A 158 -7.09 -5.15 -5.59
N TYR A 159 -6.04 -4.34 -5.67
CA TYR A 159 -4.83 -4.68 -6.41
C TYR A 159 -3.66 -4.83 -5.44
N GLN A 160 -2.81 -5.83 -5.67
CA GLN A 160 -1.77 -6.21 -4.73
C GLN A 160 -0.39 -5.87 -5.27
N LEU A 161 0.37 -5.09 -4.50
CA LEU A 161 1.79 -4.86 -4.76
C LEU A 161 2.59 -5.58 -3.69
N PRO A 162 3.09 -6.78 -3.96
CA PRO A 162 3.73 -7.56 -2.89
C PRO A 162 5.08 -6.98 -2.52
N LEU A 163 5.47 -7.21 -1.26
CA LEU A 163 6.74 -6.75 -0.74
C LEU A 163 7.62 -7.95 -0.38
N MET A 164 8.92 -7.70 -0.29
CA MET A 164 9.84 -8.61 0.38
C MET A 164 10.13 -8.04 1.77
N GLY A 165 9.86 -8.82 2.79
CA GLY A 165 9.86 -8.29 4.14
C GLY A 165 8.52 -7.66 4.48
N LYS A 166 8.53 -6.85 5.53
CA LYS A 166 7.31 -6.24 6.04
C LYS A 166 7.16 -4.81 5.54
N ILE A 167 5.96 -4.27 5.74
CA ILE A 167 5.72 -2.85 5.49
C ILE A 167 6.04 -2.09 6.77
N ASN A 168 6.91 -1.10 6.68
CA ASN A 168 7.29 -0.26 7.80
C ASN A 168 6.53 1.06 7.68
N PHE A 169 5.88 1.48 8.76
CA PHE A 169 5.15 2.74 8.74
C PHE A 169 5.25 3.43 10.08
N TRP A 170 4.98 4.73 10.07
CA TRP A 170 5.11 5.57 11.25
C TRP A 170 4.27 6.83 11.06
N GLN A 171 4.00 7.51 12.16
CA GLN A 171 3.28 8.78 12.08
C GLN A 171 4.19 9.83 11.45
N GLN A 172 3.67 10.53 10.44
CA GLN A 172 4.48 11.43 9.64
C GLN A 172 5.13 12.50 10.50
N GLY A 173 6.43 12.71 10.29
CA GLY A 173 7.18 13.71 11.03
C GLY A 173 7.55 13.34 12.44
N THR A 174 7.25 12.11 12.87
CA THR A 174 7.54 11.65 14.22
C THR A 174 8.41 10.40 14.18
N THR A 175 8.82 9.95 15.36
CA THR A 175 9.45 8.65 15.54
C THR A 175 8.50 7.65 16.19
N LYS A 176 7.19 7.92 16.13
CA LYS A 176 6.17 7.00 16.64
C LYS A 176 5.88 5.98 15.55
N ALA A 177 6.42 4.77 15.72
CA ALA A 177 6.31 3.73 14.70
C ALA A 177 5.02 2.95 14.84
N GLY A 178 4.51 2.48 13.70
CA GLY A 178 3.46 1.48 13.71
C GLY A 178 4.04 0.09 13.62
N TYR A 179 3.15 -0.91 13.73
CA TYR A 179 3.55 -2.28 13.47
C TYR A 179 2.38 -3.02 12.83
N THR A 180 2.70 -4.08 12.09
CA THR A 180 1.74 -4.78 11.26
C THR A 180 0.96 -5.80 12.08
N TYR A 181 -0.03 -6.41 11.42
CA TYR A 181 -0.78 -7.49 12.06
C TYR A 181 0.12 -8.67 12.37
N ASN A 182 0.90 -9.12 11.37
CA ASN A 182 1.84 -10.22 11.55
C ASN A 182 3.17 -9.70 12.12
N TYR A 183 3.09 -9.06 13.29
CA TYR A 183 4.24 -8.33 13.80
C TYR A 183 5.36 -9.25 14.26
N ASN A 184 5.08 -10.51 14.56
CA ASN A 184 6.09 -11.44 15.04
C ASN A 184 6.07 -12.74 14.26
N THR A 185 5.82 -12.65 12.95
CA THR A 185 5.93 -13.80 12.06
C THR A 185 6.89 -13.46 10.93
N THR A 186 7.29 -14.49 10.19
CA THR A 186 8.17 -14.34 9.04
C THR A 186 7.42 -14.03 7.76
N ASP A 187 6.14 -13.67 7.86
CA ASP A 187 5.35 -13.36 6.68
C ASP A 187 5.74 -12.01 6.09
N SER A 188 5.76 -11.93 4.76
CA SER A 188 6.00 -10.68 4.08
C SER A 188 4.67 -9.99 3.80
N ASP A 189 4.70 -8.66 3.75
CA ASP A 189 3.50 -7.87 3.60
C ASP A 189 3.26 -7.50 2.14
N SER A 190 2.15 -6.81 1.90
CA SER A 190 1.80 -6.34 0.56
C SER A 190 1.08 -5.02 0.71
N LEU A 191 1.32 -4.11 -0.23
CA LEU A 191 0.45 -2.95 -0.36
C LEU A 191 -0.78 -3.35 -1.15
N TRP A 192 -1.94 -2.90 -0.70
CA TRP A 192 -3.20 -3.16 -1.38
C TRP A 192 -3.87 -1.84 -1.74
N VAL A 193 -4.43 -1.77 -2.95
CA VAL A 193 -5.08 -0.57 -3.45
C VAL A 193 -6.47 -0.94 -3.92
N TRP A 194 -7.48 -0.26 -3.38
CA TRP A 194 -8.82 -0.34 -3.95
C TRP A 194 -8.94 0.70 -5.05
N TRP A 195 -9.46 0.29 -6.20
CA TRP A 195 -9.61 1.18 -7.35
C TRP A 195 -10.94 0.89 -8.03
N ASP A 196 -11.78 1.92 -8.12
CA ASP A 196 -13.10 1.80 -8.74
C ASP A 196 -13.06 1.77 -10.25
N GLY A 197 -11.88 1.98 -10.86
CA GLY A 197 -11.80 2.14 -12.30
C GLY A 197 -11.81 3.56 -12.77
N GLY A 198 -12.00 4.53 -11.87
CA GLY A 198 -12.02 5.93 -12.26
C GLY A 198 -10.82 6.70 -11.75
N SER A 199 -11.07 7.71 -10.92
CA SER A 199 -10.02 8.56 -10.37
C SER A 199 -10.07 8.60 -8.85
N LYS A 200 -10.60 7.54 -8.23
CA LYS A 200 -10.58 7.37 -6.79
C LYS A 200 -9.85 6.07 -6.46
N ALA A 201 -9.02 6.11 -5.42
CA ALA A 201 -8.28 4.93 -5.01
C ALA A 201 -7.88 5.06 -3.56
N TYR A 202 -7.93 3.94 -2.83
CA TYR A 202 -7.53 3.88 -1.42
C TYR A 202 -6.30 2.98 -1.29
N LEU A 203 -5.31 3.46 -0.54
CA LEU A 203 -4.11 2.69 -0.22
C LEU A 203 -4.22 2.11 1.18
N TYR A 204 -3.93 0.82 1.33
CA TYR A 204 -4.05 0.13 2.61
C TYR A 204 -2.70 -0.42 3.05
N ILE A 205 -2.40 -0.30 4.35
CA ILE A 205 -1.22 -0.92 4.94
C ILE A 205 -1.65 -1.67 6.19
N SER A 206 -1.09 -2.87 6.37
CA SER A 206 -1.48 -3.73 7.48
C SER A 206 -1.07 -3.13 8.82
N THR A 207 -1.97 -3.19 9.79
CA THR A 207 -1.69 -2.75 11.15
C THR A 207 -2.32 -3.75 12.12
N TYR A 208 -1.72 -3.87 13.30
CA TYR A 208 -2.28 -4.78 14.29
C TYR A 208 -3.45 -4.15 15.04
N THR A 209 -3.35 -2.86 15.34
CA THR A 209 -4.36 -2.16 16.12
C THR A 209 -4.16 -0.66 15.91
N THR A 210 -4.84 0.14 16.73
CA THR A 210 -4.79 1.61 16.62
C THR A 210 -3.61 2.20 17.38
N MET A 211 -2.40 1.69 17.14
CA MET A 211 -1.25 2.23 17.86
C MET A 211 -0.91 3.65 17.45
N LEU A 212 -1.37 4.09 16.26
CA LEU A 212 -1.23 5.46 15.83
C LEU A 212 -2.55 6.23 15.91
N GLY A 213 -3.51 5.70 16.65
CA GLY A 213 -4.83 6.31 16.76
C GLY A 213 -5.81 5.74 15.76
N ALA A 214 -7.08 6.09 15.96
CA ALA A 214 -8.13 5.64 15.06
C ALA A 214 -8.18 6.45 13.78
N GLY A 215 -7.54 7.62 13.74
CA GLY A 215 -7.58 8.47 12.58
C GLY A 215 -8.47 9.67 12.81
N PRO A 216 -8.25 10.75 12.04
CA PRO A 216 -7.24 10.86 10.98
C PRO A 216 -5.82 11.05 11.51
N VAL A 217 -4.87 10.35 10.91
CA VAL A 217 -3.46 10.49 11.25
C VAL A 217 -2.65 10.41 9.97
N ASN A 218 -1.68 11.32 9.83
CA ASN A 218 -0.78 11.29 8.68
C ASN A 218 0.26 10.19 8.88
N ILE A 219 0.33 9.26 7.94
CA ILE A 219 1.20 8.10 8.05
C ILE A 219 2.14 8.08 6.84
N THR A 220 3.39 7.72 7.09
CA THR A 220 4.37 7.46 6.05
C THR A 220 4.75 5.98 6.08
N GLY A 221 4.96 5.38 4.91
CA GLY A 221 5.28 3.98 4.82
C GLY A 221 6.46 3.74 3.90
N LEU A 222 7.10 2.60 4.10
CA LEU A 222 8.32 2.27 3.35
C LEU A 222 8.42 0.75 3.20
N GLY A 223 8.69 0.30 1.97
CA GLY A 223 8.86 -1.13 1.75
C GLY A 223 9.72 -1.39 0.54
N ALA A 224 10.08 -2.67 0.38
CA ALA A 224 10.80 -3.14 -0.79
C ALA A 224 9.88 -4.05 -1.61
N VAL A 225 9.75 -3.75 -2.90
CA VAL A 225 8.82 -4.51 -3.74
C VAL A 225 9.33 -5.94 -3.91
N GLY A 226 8.43 -6.91 -3.72
CA GLY A 226 8.80 -8.30 -3.72
C GLY A 226 8.58 -8.98 -5.06
N PRO A 227 8.59 -10.31 -5.06
CA PRO A 227 8.40 -11.06 -6.30
C PRO A 227 6.93 -11.24 -6.63
N ASN A 228 6.69 -11.67 -7.87
CA ASN A 228 5.33 -11.94 -8.29
C ASN A 228 4.76 -13.13 -7.53
N PRO A 229 3.51 -13.06 -7.07
CA PRO A 229 2.96 -14.15 -6.25
C PRO A 229 2.56 -15.35 -7.09
N VAL A 230 2.85 -16.54 -6.57
CA VAL A 230 2.54 -17.78 -7.28
C VAL A 230 1.06 -18.14 -7.09
#